data_4F0D
#
_entry.id   4F0D
#
_cell.length_a   117.824
_cell.length_b   195.349
_cell.length_c   60.412
_cell.angle_alpha   90.00
_cell.angle_beta   90.00
_cell.angle_gamma   90.00
#
_symmetry.space_group_name_H-M   'C 2 2 21'
#
loop_
_entity.id
_entity.type
_entity.pdbx_description
1 polymer 'Poly [ADP-ribose] polymerase 16'
2 non-polymer 3-aminobenzamide
#
_entity_poly.entity_id   1
_entity_poly.type   'polypeptide(L)'
_entity_poly.pdbx_seq_one_letter_code
;SMGWAAAREAAGRDMLAADLRCSLFASALQSYKRDSVLRPFPASYARGDCKDFEALLADASKLPNLKELLQSSGDNHKRA
WDLVSWILSSKVLTIHSAGKAEFEKIQKLTGAPHTPVPAPDFLFEIEYFDPANAKFYETKGERDLIYAFHGSRLENFHSI
IHNGLHCHLNKTSLFGEGTYLTSDLSLALIYSPHGHGWQHSLLGPILSCVAVCEVIDHPDVKCQTKKKDSKEIDRRRARI
KHSEGGDIPPKYFVVTNNQLLRVKYLLVYSQKPPKRA
;
_entity_poly.pdbx_strand_id   A,B
#
# COMPACT_ATOMS: atom_id res chain seq x y z
N MET A 2 27.70 10.06 -15.54
CA MET A 2 27.58 11.39 -16.12
C MET A 2 27.77 11.33 -17.65
N GLY A 3 28.59 10.38 -18.11
CA GLY A 3 28.84 10.11 -19.52
C GLY A 3 27.84 9.14 -20.10
N TRP A 4 27.79 9.02 -21.45
CA TRP A 4 26.86 8.15 -22.17
C TRP A 4 27.20 6.70 -21.95
N ALA A 5 28.51 6.40 -21.91
CA ALA A 5 29.02 5.05 -21.72
C ALA A 5 28.71 4.53 -20.30
N ALA A 6 28.73 5.41 -19.28
CA ALA A 6 28.47 5.09 -17.88
C ALA A 6 26.98 4.91 -17.60
N ALA A 7 26.11 5.69 -18.28
CA ALA A 7 24.66 5.61 -18.16
C ALA A 7 24.19 4.30 -18.77
N ARG A 8 24.78 3.92 -19.92
CA ARG A 8 24.44 2.68 -20.62
C ARG A 8 24.70 1.50 -19.69
N GLU A 9 25.82 1.56 -18.97
CA GLU A 9 26.23 0.55 -17.99
C GLU A 9 25.24 0.53 -16.77
N ALA A 10 24.90 1.70 -16.20
CA ALA A 10 23.98 1.87 -15.06
C ALA A 10 22.57 1.33 -15.40
N ALA A 11 22.00 1.76 -16.54
CA ALA A 11 20.72 1.32 -17.08
C ALA A 11 20.71 -0.19 -17.34
N GLY A 12 21.86 -0.74 -17.77
CA GLY A 12 22.03 -2.16 -18.08
C GLY A 12 21.96 -3.06 -16.87
N ARG A 13 22.64 -2.67 -15.78
CA ARG A 13 22.66 -3.36 -14.51
C ARG A 13 21.24 -3.52 -13.97
N ASP A 14 20.55 -2.37 -13.81
CA ASP A 14 19.24 -2.27 -13.24
C ASP A 14 18.34 -1.36 -14.07
N MET A 15 17.58 -1.95 -14.98
CA MET A 15 16.63 -1.26 -15.86
C MET A 15 15.53 -0.62 -15.09
N LEU A 16 14.89 -1.41 -14.22
CA LEU A 16 13.78 -1.00 -13.36
C LEU A 16 14.18 0.19 -12.47
N ALA A 17 15.38 0.18 -11.83
CA ALA A 17 15.87 1.34 -11.06
C ALA A 17 16.03 2.58 -11.96
N ALA A 18 16.63 2.40 -13.17
CA ALA A 18 16.86 3.44 -14.18
C ALA A 18 15.53 4.00 -14.67
N ASP A 19 14.53 3.11 -14.89
CA ASP A 19 13.18 3.44 -15.32
C ASP A 19 12.44 4.16 -14.20
N LEU A 20 12.57 3.69 -12.97
CA LEU A 20 11.95 4.41 -11.86
C LEU A 20 12.42 5.89 -11.84
N ARG A 21 13.73 6.12 -12.00
CA ARG A 21 14.29 7.48 -12.00
C ARG A 21 13.75 8.32 -13.15
N CYS A 22 13.57 7.70 -14.33
CA CYS A 22 13.03 8.38 -15.51
C CYS A 22 11.56 8.70 -15.31
N SER A 23 10.81 7.80 -14.65
CA SER A 23 9.40 7.92 -14.33
C SER A 23 9.15 9.02 -13.33
N LEU A 24 9.95 9.07 -12.24
CA LEU A 24 9.83 10.11 -11.22
C LEU A 24 10.17 11.48 -11.76
N PHE A 25 11.15 11.55 -12.69
CA PHE A 25 11.54 12.76 -13.42
C PHE A 25 10.34 13.25 -14.28
N ALA A 26 9.73 12.33 -15.06
CA ALA A 26 8.58 12.58 -15.92
C ALA A 26 7.40 13.08 -15.09
N SER A 27 7.15 12.47 -13.93
CA SER A 27 6.09 12.88 -12.99
C SER A 27 6.28 14.35 -12.50
N ALA A 28 7.50 14.68 -12.04
CA ALA A 28 7.85 16.02 -11.54
C ALA A 28 7.82 17.08 -12.68
N LEU A 29 8.25 16.71 -13.89
CA LEU A 29 8.28 17.59 -15.04
C LEU A 29 6.87 17.91 -15.56
N GLN A 30 5.97 16.89 -15.63
CA GLN A 30 4.59 17.05 -16.09
C GLN A 30 3.77 17.88 -15.15
N SER A 31 4.03 17.79 -13.84
CA SER A 31 3.28 18.48 -12.80
C SER A 31 3.19 19.96 -13.04
N TYR A 32 2.03 20.57 -12.71
CA TYR A 32 1.81 22.01 -12.81
C TYR A 32 2.77 22.72 -11.83
N LYS A 33 3.26 21.96 -10.81
CA LYS A 33 4.20 22.38 -9.76
C LYS A 33 5.68 22.09 -10.14
N ARG A 34 5.95 21.78 -11.42
CA ARG A 34 7.31 21.49 -11.95
C ARG A 34 8.40 22.45 -11.45
N ASP A 35 8.08 23.75 -11.29
CA ASP A 35 9.05 24.74 -10.83
C ASP A 35 9.53 24.43 -9.40
N SER A 36 8.62 23.91 -8.57
CA SER A 36 8.86 23.63 -7.17
C SER A 36 9.30 22.14 -6.97
N VAL A 37 8.71 21.21 -7.71
CA VAL A 37 8.98 19.78 -7.53
C VAL A 37 10.14 19.27 -8.43
N LEU A 38 10.38 19.86 -9.62
CA LEU A 38 11.50 19.38 -10.44
C LEU A 38 12.80 20.06 -9.96
N ARG A 39 13.21 19.68 -8.74
CA ARG A 39 14.45 20.09 -8.10
C ARG A 39 15.07 18.80 -7.59
N PRO A 40 16.25 18.37 -8.12
CA PRO A 40 17.17 19.09 -9.04
C PRO A 40 16.69 19.13 -10.51
N PHE A 41 17.08 20.22 -11.19
CA PHE A 41 16.74 20.58 -12.56
C PHE A 41 18.01 20.50 -13.43
N PRO A 42 17.92 19.90 -14.65
CA PRO A 42 19.10 19.81 -15.52
C PRO A 42 19.58 21.20 -15.96
N ALA A 43 20.82 21.55 -15.56
CA ALA A 43 21.48 22.83 -15.80
C ALA A 43 21.50 23.26 -17.28
N SER A 44 21.57 22.29 -18.20
CA SER A 44 21.62 22.48 -19.65
C SER A 44 20.35 23.10 -20.20
N TYR A 45 19.27 23.09 -19.39
CA TYR A 45 17.97 23.64 -19.76
C TYR A 45 17.71 24.93 -19.00
N ALA A 46 18.75 25.54 -18.40
CA ALA A 46 18.63 26.79 -17.67
C ALA A 46 19.62 27.82 -18.17
N ARG A 47 19.13 28.99 -18.65
CA ARG A 47 20.01 30.10 -19.08
C ARG A 47 20.67 30.64 -17.82
N GLY A 48 19.93 31.34 -16.98
CA GLY A 48 20.43 31.76 -15.68
C GLY A 48 19.61 30.97 -14.69
N ASP A 49 18.70 31.66 -13.99
CA ASP A 49 17.73 31.03 -13.10
C ASP A 49 16.49 30.67 -13.90
N CYS A 50 16.55 30.96 -15.22
CA CYS A 50 15.47 30.78 -16.18
C CYS A 50 15.45 29.36 -16.69
N LYS A 51 14.41 28.65 -16.34
CA LYS A 51 14.23 27.23 -16.65
C LYS A 51 13.47 27.08 -17.97
N ASP A 52 14.10 26.44 -18.95
CA ASP A 52 13.44 26.20 -20.24
C ASP A 52 12.56 24.98 -20.10
N PHE A 53 11.37 25.11 -19.51
CA PHE A 53 10.44 24.00 -19.34
C PHE A 53 9.90 23.47 -20.67
N GLU A 54 9.57 24.36 -21.62
CA GLU A 54 9.05 23.93 -22.94
C GLU A 54 10.10 23.10 -23.68
N ALA A 55 11.39 23.50 -23.61
CA ALA A 55 12.46 22.72 -24.23
C ALA A 55 12.62 21.36 -23.55
N LEU A 56 12.48 21.32 -22.20
CA LEU A 56 12.61 20.11 -21.41
C LEU A 56 11.46 19.14 -21.73
N LEU A 57 10.18 19.58 -21.57
CA LEU A 57 8.97 18.83 -21.92
C LEU A 57 9.10 18.25 -23.31
N ALA A 58 9.54 19.08 -24.28
CA ALA A 58 9.79 18.67 -25.65
C ALA A 58 10.80 17.51 -25.72
N ASP A 59 11.98 17.61 -25.07
CA ASP A 59 12.98 16.55 -25.18
C ASP A 59 12.55 15.29 -24.43
N ALA A 60 11.96 15.43 -23.23
CA ALA A 60 11.47 14.33 -22.42
C ALA A 60 10.39 13.51 -23.15
N SER A 61 9.48 14.17 -23.92
CA SER A 61 8.42 13.53 -24.71
C SER A 61 8.96 12.73 -25.90
N LYS A 62 10.19 13.04 -26.37
CA LYS A 62 10.83 12.32 -27.49
C LYS A 62 11.72 11.15 -26.99
N LEU A 63 11.73 10.87 -25.67
CA LEU A 63 12.52 9.75 -25.14
C LEU A 63 11.86 8.42 -25.46
N PRO A 64 12.60 7.46 -26.04
CA PRO A 64 12.02 6.14 -26.25
C PRO A 64 12.09 5.37 -24.95
N ASN A 65 11.61 4.12 -24.91
CA ASN A 65 11.79 3.33 -23.69
C ASN A 65 13.28 2.96 -23.62
N LEU A 66 13.77 2.52 -22.45
CA LEU A 66 15.19 2.24 -22.23
C LEU A 66 15.74 1.06 -23.05
N LYS A 67 14.89 0.06 -23.43
CA LYS A 67 15.36 -1.05 -24.28
C LYS A 67 15.72 -0.50 -25.66
N GLU A 68 14.89 0.43 -26.18
CA GLU A 68 15.06 1.10 -27.46
C GLU A 68 16.26 2.06 -27.42
N LEU A 69 16.47 2.76 -26.28
CA LEU A 69 17.57 3.71 -26.13
C LEU A 69 18.92 2.98 -26.14
N LEU A 70 18.99 1.84 -25.42
CA LEU A 70 20.18 1.02 -25.30
C LEU A 70 20.53 0.29 -26.60
N GLN A 71 19.58 0.20 -27.54
CA GLN A 71 19.77 -0.41 -28.86
C GLN A 71 20.18 0.64 -29.91
N SER A 72 20.23 1.93 -29.53
CA SER A 72 20.56 3.03 -30.45
C SER A 72 22.03 3.47 -30.37
N SER A 73 22.56 3.72 -29.13
CA SER A 73 23.92 4.20 -28.82
C SER A 73 24.19 5.55 -29.50
N GLY A 74 23.18 6.42 -29.47
CA GLY A 74 23.19 7.71 -30.13
C GLY A 74 23.06 7.47 -31.63
N ASP A 75 23.74 8.26 -32.50
CA ASP A 75 24.52 9.44 -32.12
C ASP A 75 23.74 10.68 -32.54
N ASN A 76 22.58 10.43 -33.19
CA ASN A 76 21.60 11.43 -33.62
C ASN A 76 20.65 11.66 -32.43
N HIS A 77 20.73 10.73 -31.43
CA HIS A 77 19.92 10.71 -30.21
C HIS A 77 20.71 11.27 -29.02
N LYS A 78 21.54 12.29 -29.29
CA LYS A 78 22.41 12.99 -28.35
C LYS A 78 21.62 13.64 -27.21
N ARG A 79 20.48 14.32 -27.54
CA ARG A 79 19.65 15.01 -26.55
C ARG A 79 19.05 14.02 -25.53
N ALA A 80 18.58 12.87 -26.01
CA ALA A 80 18.00 11.82 -25.19
C ALA A 80 19.02 11.28 -24.18
N TRP A 81 20.23 10.97 -24.67
CA TRP A 81 21.33 10.44 -23.88
C TRP A 81 21.90 11.44 -22.89
N ASP A 82 21.94 12.75 -23.23
CA ASP A 82 22.41 13.80 -22.34
C ASP A 82 21.47 13.92 -21.13
N LEU A 83 20.15 13.83 -21.39
CA LEU A 83 19.11 13.92 -20.37
C LEU A 83 19.06 12.67 -19.50
N VAL A 84 19.00 11.48 -20.11
CA VAL A 84 18.97 10.21 -19.38
C VAL A 84 20.27 10.08 -18.54
N SER A 85 21.43 10.44 -19.13
CA SER A 85 22.72 10.40 -18.40
C SER A 85 22.64 11.36 -17.19
N TRP A 86 21.94 12.49 -17.33
CA TRP A 86 21.74 13.42 -16.23
C TRP A 86 20.81 12.81 -15.15
N ILE A 87 19.67 12.25 -15.56
CA ILE A 87 18.68 11.66 -14.65
C ILE A 87 19.34 10.57 -13.77
N LEU A 88 20.15 9.72 -14.36
CA LEU A 88 20.82 8.56 -13.75
C LEU A 88 22.06 8.89 -12.88
N SER A 89 22.48 10.16 -12.85
CA SER A 89 23.63 10.64 -12.11
C SER A 89 23.33 11.06 -10.64
N SER A 90 24.32 10.80 -9.76
CA SER A 90 24.38 11.14 -8.34
C SER A 90 25.70 10.71 -7.77
N LYS A 91 26.27 11.53 -6.92
CA LYS A 91 27.50 11.18 -6.16
C LYS A 91 27.12 10.94 -4.68
N VAL A 92 25.85 11.20 -4.35
CA VAL A 92 25.24 11.10 -3.03
C VAL A 92 24.66 9.68 -2.79
N LEU A 93 23.85 9.14 -3.74
CA LEU A 93 23.23 7.82 -3.59
C LEU A 93 22.97 7.07 -4.91
N THR A 94 22.48 5.81 -4.82
CA THR A 94 21.96 5.02 -5.93
C THR A 94 20.68 4.27 -5.50
N ILE A 95 19.86 3.85 -6.48
CA ILE A 95 18.63 3.08 -6.30
C ILE A 95 18.91 1.71 -6.92
N HIS A 96 18.54 0.66 -6.21
CA HIS A 96 18.65 -0.73 -6.63
C HIS A 96 17.29 -1.40 -6.58
N SER A 97 17.03 -2.33 -7.50
CA SER A 97 15.84 -3.19 -7.46
C SER A 97 15.98 -4.19 -6.35
N ALA A 98 14.87 -4.49 -5.71
CA ALA A 98 14.72 -5.46 -4.65
C ALA A 98 13.74 -6.54 -5.13
N GLY A 99 13.71 -7.69 -4.47
CA GLY A 99 12.76 -8.74 -4.84
C GLY A 99 11.34 -8.46 -4.37
N LYS A 100 10.70 -9.50 -3.81
CA LYS A 100 9.35 -9.45 -3.24
C LYS A 100 9.39 -10.21 -1.91
N ALA A 101 10.44 -11.03 -1.73
CA ALA A 101 10.79 -11.65 -0.46
C ALA A 101 11.37 -10.52 0.39
N GLU A 102 11.58 -9.36 -0.28
CA GLU A 102 12.07 -8.11 0.28
C GLU A 102 10.93 -7.40 1.00
N PHE A 103 9.71 -7.47 0.43
CA PHE A 103 8.54 -6.90 1.08
C PHE A 103 8.34 -7.61 2.44
N GLU A 104 8.60 -8.93 2.50
CA GLU A 104 8.55 -9.74 3.73
C GLU A 104 9.51 -9.16 4.79
N LYS A 105 10.71 -8.75 4.36
CA LYS A 105 11.71 -8.14 5.21
C LYS A 105 11.21 -6.81 5.74
N ILE A 106 10.67 -5.90 4.88
CA ILE A 106 10.12 -4.60 5.27
C ILE A 106 8.94 -4.79 6.25
N GLN A 107 8.07 -5.77 5.97
CA GLN A 107 6.93 -6.11 6.84
C GLN A 107 7.41 -6.69 8.18
N LYS A 108 8.62 -7.27 8.22
CA LYS A 108 9.20 -7.79 9.45
C LYS A 108 9.67 -6.60 10.30
N LEU A 109 10.41 -5.64 9.66
CA LEU A 109 10.98 -4.40 10.25
C LEU A 109 9.92 -3.41 10.75
N THR A 110 8.70 -3.49 10.20
CA THR A 110 7.60 -2.60 10.54
C THR A 110 6.56 -3.33 11.39
N GLY A 111 6.74 -4.65 11.54
CA GLY A 111 5.87 -5.55 12.29
C GLY A 111 4.62 -5.96 11.55
N ALA A 112 3.78 -6.82 12.20
CA ALA A 112 2.49 -7.34 11.73
C ALA A 112 1.69 -6.26 10.97
N PRO A 113 1.27 -6.52 9.70
CA PRO A 113 0.60 -5.48 8.88
C PRO A 113 -0.55 -4.70 9.54
N HIS A 114 -1.13 -5.21 10.66
CA HIS A 114 -2.22 -4.64 11.46
C HIS A 114 -3.50 -4.46 10.62
N THR A 115 -3.45 -3.60 9.59
CA THR A 115 -4.52 -3.38 8.63
C THR A 115 -4.16 -4.14 7.29
N PRO A 116 -5.13 -4.83 6.61
CA PRO A 116 -4.83 -5.44 5.29
C PRO A 116 -4.47 -4.37 4.27
N VAL A 117 -3.41 -4.64 3.48
CA VAL A 117 -2.81 -3.66 2.59
C VAL A 117 -2.23 -4.35 1.30
N PRO A 118 -2.07 -3.69 0.12
CA PRO A 118 -1.54 -4.43 -1.06
C PRO A 118 -0.01 -4.57 -1.06
N ALA A 119 0.51 -5.61 -1.70
CA ALA A 119 1.95 -5.81 -1.88
C ALA A 119 2.44 -4.89 -3.01
N PRO A 120 3.60 -4.21 -2.91
CA PRO A 120 4.03 -3.34 -4.03
C PRO A 120 4.29 -4.15 -5.29
N ASP A 121 4.13 -3.56 -6.46
CA ASP A 121 4.36 -4.27 -7.71
C ASP A 121 5.88 -4.31 -7.99
N PHE A 122 6.62 -3.30 -7.47
CA PHE A 122 8.08 -3.07 -7.54
C PHE A 122 8.58 -2.50 -6.19
N LEU A 123 9.78 -2.92 -5.79
CA LEU A 123 10.48 -2.58 -4.55
C LEU A 123 11.88 -2.12 -4.91
N PHE A 124 12.32 -1.02 -4.30
CA PHE A 124 13.65 -0.44 -4.53
C PHE A 124 14.33 -0.09 -3.24
N GLU A 125 15.63 -0.39 -3.14
CA GLU A 125 16.48 -0.08 -1.99
C GLU A 125 17.42 1.03 -2.40
N ILE A 126 17.63 2.03 -1.51
CA ILE A 126 18.48 3.20 -1.74
C ILE A 126 19.81 3.03 -1.00
N GLU A 127 20.93 3.09 -1.72
CA GLU A 127 22.25 3.00 -1.11
C GLU A 127 22.87 4.39 -1.04
N TYR A 128 23.32 4.80 0.17
CA TYR A 128 23.96 6.11 0.39
C TYR A 128 25.42 5.96 0.41
N PHE A 129 26.10 6.94 -0.14
CA PHE A 129 27.55 6.88 -0.16
C PHE A 129 28.13 7.62 1.04
N ASP A 130 29.45 7.48 1.27
CA ASP A 130 30.17 8.21 2.30
C ASP A 130 30.44 9.60 1.71
N PRO A 131 30.50 10.71 2.49
CA PRO A 131 30.51 10.82 3.97
C PRO A 131 29.16 10.49 4.66
N ALA A 132 28.03 10.88 4.03
CA ALA A 132 26.67 10.75 4.55
C ALA A 132 26.30 9.37 5.12
N ASN A 133 26.69 8.25 4.48
CA ASN A 133 26.33 6.92 5.01
C ASN A 133 27.07 6.61 6.33
N ALA A 134 28.36 6.93 6.41
CA ALA A 134 29.15 6.73 7.62
C ALA A 134 28.70 7.70 8.71
N LYS A 135 28.34 8.94 8.31
CA LYS A 135 27.88 9.98 9.23
C LYS A 135 26.59 9.55 9.87
N PHE A 136 25.69 8.96 9.08
CA PHE A 136 24.40 8.49 9.57
C PHE A 136 24.60 7.45 10.68
N TYR A 137 25.48 6.42 10.46
CA TYR A 137 25.73 5.35 11.44
C TYR A 137 26.49 5.88 12.66
N GLU A 138 27.24 6.98 12.49
CA GLU A 138 27.98 7.61 13.57
C GLU A 138 26.96 8.25 14.53
N THR A 139 25.98 8.97 13.95
CA THR A 139 24.88 9.64 14.63
C THR A 139 24.00 8.56 15.30
N LYS A 140 23.87 7.39 14.65
CA LYS A 140 23.10 6.25 15.16
C LYS A 140 23.72 5.75 16.48
N GLY A 141 25.02 5.47 16.46
CA GLY A 141 25.75 4.94 17.61
C GLY A 141 25.13 3.65 18.13
N GLU A 142 25.01 3.55 19.46
CA GLU A 142 24.41 2.40 20.15
C GLU A 142 22.90 2.28 19.90
N ARG A 143 22.21 3.39 19.50
CA ARG A 143 20.75 3.47 19.28
C ARG A 143 20.29 2.53 18.15
N ASP A 144 19.10 1.94 18.29
CA ASP A 144 18.62 1.03 17.26
C ASP A 144 17.88 1.78 16.15
N LEU A 145 17.75 1.13 14.97
CA LEU A 145 17.04 1.70 13.83
C LEU A 145 15.64 1.16 13.78
N ILE A 146 14.71 2.09 13.58
CA ILE A 146 13.26 1.94 13.46
C ILE A 146 12.88 2.17 11.98
N TYR A 147 11.85 1.46 11.46
CA TYR A 147 11.39 1.60 10.06
C TYR A 147 9.89 1.98 10.00
N ALA A 148 9.62 3.18 9.45
CA ALA A 148 8.27 3.70 9.34
C ALA A 148 8.03 4.18 7.92
N PHE A 149 6.76 4.42 7.58
CA PHE A 149 6.32 4.82 6.24
C PHE A 149 5.89 6.27 6.14
N HIS A 150 6.07 6.82 4.94
CA HIS A 150 5.71 8.14 4.51
C HIS A 150 5.24 8.08 3.05
N GLY A 151 3.96 8.39 2.84
CA GLY A 151 3.36 8.45 1.54
C GLY A 151 3.41 9.87 1.04
N SER A 152 3.26 10.07 -0.27
CA SER A 152 3.35 11.38 -0.90
C SER A 152 2.84 11.26 -2.32
N ARG A 153 2.47 12.38 -2.96
CA ARG A 153 2.11 12.40 -4.37
C ARG A 153 3.34 12.02 -5.18
N LEU A 154 3.16 11.29 -6.32
CA LEU A 154 4.26 10.80 -7.17
C LEU A 154 5.17 11.94 -7.66
N GLU A 155 4.63 13.12 -7.95
CA GLU A 155 5.45 14.27 -8.42
C GLU A 155 6.48 14.77 -7.38
N ASN A 156 6.48 14.22 -6.14
CA ASN A 156 7.44 14.66 -5.09
C ASN A 156 8.62 13.74 -4.86
N PHE A 157 8.66 12.54 -5.48
CA PHE A 157 9.71 11.58 -5.17
C PHE A 157 11.05 11.84 -5.86
N HIS A 158 11.10 12.55 -7.00
CA HIS A 158 12.36 12.95 -7.65
C HIS A 158 13.17 13.79 -6.65
N SER A 159 12.50 14.78 -6.07
CA SER A 159 13.05 15.65 -5.03
C SER A 159 13.37 14.86 -3.75
N ILE A 160 12.45 13.98 -3.29
CA ILE A 160 12.63 13.21 -2.04
C ILE A 160 13.90 12.38 -2.12
N ILE A 161 14.13 11.75 -3.28
CA ILE A 161 15.26 10.88 -3.58
C ILE A 161 16.56 11.67 -3.68
N HIS A 162 16.54 12.97 -3.99
CA HIS A 162 17.79 13.74 -4.15
C HIS A 162 18.10 14.69 -2.99
N ASN A 163 17.06 15.26 -2.40
CA ASN A 163 17.11 16.26 -1.35
C ASN A 163 16.59 15.75 -0.01
N GLY A 164 15.88 14.64 -0.03
CA GLY A 164 15.25 14.05 1.13
C GLY A 164 13.95 14.74 1.51
N LEU A 165 13.41 14.30 2.64
CA LEU A 165 12.18 14.79 3.23
C LEU A 165 12.48 15.92 4.20
N HIS A 166 11.90 17.10 4.01
CA HIS A 166 11.13 17.54 2.85
C HIS A 166 11.59 18.99 2.60
N CYS A 167 12.81 19.28 3.16
CA CYS A 167 13.62 20.50 3.11
C CYS A 167 13.03 21.64 3.93
N HIS A 168 13.93 22.44 4.54
CA HIS A 168 13.60 23.58 5.39
C HIS A 168 14.58 24.73 5.14
N LYS A 171 12.93 26.85 2.80
CA LYS A 171 12.48 28.15 3.32
C LYS A 171 11.86 28.02 4.72
N THR A 172 11.24 26.85 5.03
CA THR A 172 10.58 26.46 6.28
C THR A 172 9.43 27.43 6.66
N SER A 173 9.77 28.65 7.15
CA SER A 173 8.92 29.77 7.57
C SER A 173 8.03 29.45 8.79
N LEU A 174 7.28 28.32 8.77
CA LEU A 174 6.40 27.92 9.88
C LEU A 174 7.12 27.07 10.93
N PHE A 175 6.57 27.09 12.16
CA PHE A 175 7.02 26.31 13.33
C PHE A 175 6.38 24.91 13.30
N GLY A 176 6.88 24.00 14.13
CA GLY A 176 6.37 22.63 14.23
C GLY A 176 6.55 21.73 13.02
N GLU A 177 7.33 22.20 12.02
CA GLU A 177 7.66 21.46 10.79
C GLU A 177 8.44 20.17 11.11
N GLY A 178 8.26 19.15 10.27
CA GLY A 178 8.84 17.82 10.43
C GLY A 178 8.15 16.79 9.57
N THR A 179 8.71 15.57 9.50
CA THR A 179 8.19 14.49 8.63
C THR A 179 7.22 13.57 9.36
N TYR A 180 6.09 13.24 8.69
CA TYR A 180 5.06 12.36 9.22
C TYR A 180 5.34 10.96 8.82
N LEU A 181 5.35 10.09 9.84
CA LEU A 181 5.65 8.68 9.70
C LEU A 181 4.65 7.82 10.46
N THR A 182 4.57 6.54 10.09
CA THR A 182 3.64 5.59 10.68
C THR A 182 4.15 4.20 10.38
N SER A 183 4.00 3.30 11.35
CA SER A 183 4.38 1.91 11.20
C SER A 183 3.36 1.15 10.33
N ASP A 184 2.16 1.75 10.13
CA ASP A 184 1.05 1.19 9.39
C ASP A 184 0.98 1.76 7.99
N LEU A 185 1.39 0.92 7.03
CA LEU A 185 1.41 1.21 5.61
C LEU A 185 0.05 1.63 5.10
N SER A 186 -1.03 1.09 5.68
CA SER A 186 -2.37 1.45 5.23
C SER A 186 -2.66 2.94 5.41
N LEU A 187 -2.08 3.53 6.46
CA LEU A 187 -2.20 4.95 6.77
C LEU A 187 -1.32 5.75 5.81
N ALA A 188 -0.09 5.28 5.53
CA ALA A 188 0.83 5.93 4.58
C ALA A 188 0.20 5.99 3.19
N LEU A 189 -0.32 4.84 2.72
CA LEU A 189 -0.90 4.69 1.40
C LEU A 189 -1.98 5.71 1.05
N ILE A 190 -2.83 6.13 2.01
CA ILE A 190 -3.88 7.10 1.69
C ILE A 190 -3.27 8.47 1.27
N TYR A 191 -1.98 8.71 1.58
CA TYR A 191 -1.26 9.91 1.19
C TYR A 191 -0.37 9.64 -0.04
N SER A 192 -0.50 8.45 -0.68
CA SER A 192 0.22 8.10 -1.92
C SER A 192 -0.76 7.86 -3.09
N PRO A 193 -1.52 8.89 -3.54
CA PRO A 193 -2.44 8.64 -4.66
C PRO A 193 -1.69 8.36 -5.95
N HIS A 194 -2.37 7.69 -6.90
CA HIS A 194 -1.84 7.44 -8.22
C HIS A 194 -1.63 8.76 -8.95
N GLY A 195 -0.46 8.89 -9.55
CA GLY A 195 -0.04 10.04 -10.35
C GLY A 195 0.51 9.60 -11.69
N HIS A 196 0.74 10.56 -12.57
CA HIS A 196 1.24 10.22 -13.89
C HIS A 196 2.75 10.08 -13.89
N GLY A 197 3.21 8.93 -14.40
CA GLY A 197 4.60 8.59 -14.58
C GLY A 197 4.98 8.88 -16.02
N TRP A 198 5.64 7.91 -16.64
CA TRP A 198 6.19 7.93 -17.98
C TRP A 198 5.46 6.90 -18.84
N GLN A 199 5.03 7.33 -20.03
CA GLN A 199 4.29 6.56 -21.00
C GLN A 199 5.10 5.36 -21.54
N HIS A 200 6.45 5.44 -21.48
CA HIS A 200 7.33 4.38 -21.97
C HIS A 200 7.98 3.63 -20.84
N SER A 201 7.37 3.68 -19.65
CA SER A 201 7.94 2.99 -18.51
C SER A 201 7.56 1.51 -18.52
N LEU A 202 8.52 0.64 -18.08
CA LEU A 202 8.39 -0.81 -17.86
C LEU A 202 7.54 -1.05 -16.60
N LEU A 203 7.41 -0.02 -15.76
CA LEU A 203 6.67 -0.06 -14.50
C LEU A 203 5.21 0.23 -14.72
N GLY A 204 4.89 0.79 -15.88
CA GLY A 204 3.54 1.21 -16.19
C GLY A 204 3.42 2.72 -16.12
N PRO A 205 2.45 3.30 -16.85
CA PRO A 205 2.33 4.77 -16.87
C PRO A 205 1.72 5.44 -15.61
N ILE A 206 0.87 4.72 -14.83
CA ILE A 206 0.28 5.32 -13.61
C ILE A 206 0.82 4.58 -12.38
N LEU A 207 1.52 5.34 -11.51
CA LEU A 207 2.15 4.80 -10.32
C LEU A 207 1.77 5.52 -9.08
N SER A 208 2.03 4.87 -7.94
CA SER A 208 1.90 5.34 -6.57
C SER A 208 3.16 4.86 -5.88
N CYS A 209 3.70 5.67 -4.97
CA CYS A 209 4.98 5.40 -4.33
C CYS A 209 4.93 5.81 -2.86
N VAL A 210 5.36 4.89 -2.01
CA VAL A 210 5.45 5.05 -0.55
C VAL A 210 6.93 4.90 -0.16
N ALA A 211 7.39 5.78 0.71
CA ALA A 211 8.74 5.71 1.21
C ALA A 211 8.81 4.93 2.52
N VAL A 212 9.83 4.08 2.64
CA VAL A 212 10.14 3.37 3.89
C VAL A 212 11.36 4.11 4.43
N CYS A 213 11.20 4.74 5.59
CA CYS A 213 12.24 5.55 6.24
C CYS A 213 12.93 4.80 7.38
N GLU A 214 14.23 4.90 7.39
CA GLU A 214 15.11 4.38 8.41
C GLU A 214 15.30 5.52 9.44
N VAL A 215 14.89 5.29 10.70
CA VAL A 215 14.91 6.31 11.76
C VAL A 215 15.79 5.83 12.91
N ILE A 216 16.75 6.66 13.35
CA ILE A 216 17.57 6.40 14.54
C ILE A 216 16.60 6.58 15.72
N ASP A 217 16.47 5.57 16.60
CA ASP A 217 15.54 5.64 17.72
C ASP A 217 16.03 6.68 18.75
N HIS A 218 15.35 7.81 18.76
CA HIS A 218 15.56 9.00 19.58
C HIS A 218 14.21 9.44 20.20
N PRO A 219 14.14 10.18 21.34
CA PRO A 219 12.81 10.62 21.81
C PRO A 219 12.22 11.68 20.85
N ASP A 220 11.26 11.22 19.99
CA ASP A 220 10.53 11.99 18.98
C ASP A 220 9.28 11.22 18.52
N LYS A 251 -2.16 5.05 14.20
CA LYS A 251 -1.01 5.49 15.00
C LYS A 251 0.17 5.94 14.09
N TYR A 252 0.69 7.15 14.40
CA TYR A 252 1.80 7.80 13.67
C TYR A 252 2.69 8.63 14.61
N PHE A 253 3.81 9.16 14.08
CA PHE A 253 4.76 10.01 14.82
C PHE A 253 5.46 10.99 13.84
N VAL A 254 6.08 12.06 14.37
CA VAL A 254 6.73 13.15 13.64
C VAL A 254 8.19 13.27 14.06
N VAL A 255 9.11 13.43 13.08
CA VAL A 255 10.55 13.58 13.28
C VAL A 255 10.93 15.00 12.90
N THR A 256 11.31 15.80 13.88
CA THR A 256 11.65 17.22 13.66
C THR A 256 13.10 17.39 13.19
N ASN A 257 14.03 16.49 13.61
CA ASN A 257 15.44 16.53 13.21
C ASN A 257 15.67 15.67 11.95
N ASN A 258 15.98 16.34 10.82
CA ASN A 258 16.20 15.70 9.51
C ASN A 258 17.45 14.78 9.48
N GLN A 259 18.40 14.99 10.39
CA GLN A 259 19.64 14.20 10.49
C GLN A 259 19.43 12.78 11.04
N LEU A 260 18.27 12.51 11.66
CA LEU A 260 18.00 11.22 12.31
C LEU A 260 17.17 10.24 11.46
N LEU A 261 16.90 10.59 10.20
CA LEU A 261 16.16 9.73 9.26
C LEU A 261 16.64 9.92 7.81
N ARG A 262 16.37 8.89 7.02
CA ARG A 262 16.66 8.86 5.61
C ARG A 262 15.71 7.87 4.96
N VAL A 263 15.43 8.04 3.66
CA VAL A 263 14.62 7.11 2.88
C VAL A 263 15.51 5.93 2.57
N LYS A 264 15.03 4.68 2.82
CA LYS A 264 15.79 3.45 2.59
C LYS A 264 15.15 2.54 1.51
N TYR A 265 13.82 2.61 1.35
CA TYR A 265 13.10 1.83 0.35
C TYR A 265 11.99 2.63 -0.25
N LEU A 266 11.62 2.30 -1.48
CA LEU A 266 10.48 2.85 -2.20
C LEU A 266 9.59 1.69 -2.59
N LEU A 267 8.28 1.80 -2.28
CA LEU A 267 7.29 0.80 -2.62
C LEU A 267 6.44 1.39 -3.74
N VAL A 268 6.54 0.78 -4.90
CA VAL A 268 5.87 1.24 -6.11
C VAL A 268 4.68 0.32 -6.48
N TYR A 269 3.54 0.95 -6.75
CA TYR A 269 2.29 0.32 -7.16
C TYR A 269 1.92 0.83 -8.51
N SER A 270 1.68 -0.05 -9.49
CA SER A 270 1.30 0.34 -10.85
C SER A 270 -0.16 0.04 -11.14
N GLN A 271 -0.96 1.09 -11.41
CA GLN A 271 -2.38 0.98 -11.73
C GLN A 271 -2.56 0.38 -13.12
N MET B 2 -32.86 -25.14 9.30
CA MET B 2 -33.51 -25.78 10.43
C MET B 2 -32.51 -26.04 11.57
N GLY B 3 -31.48 -26.86 11.29
CA GLY B 3 -30.45 -27.19 12.26
C GLY B 3 -30.16 -28.69 12.40
N TRP B 4 -28.92 -29.01 12.82
CA TRP B 4 -28.33 -30.34 13.07
C TRP B 4 -28.18 -31.17 11.79
N ALA B 5 -29.16 -31.11 10.88
CA ALA B 5 -29.15 -31.84 9.62
C ALA B 5 -29.10 -30.85 8.45
N ALA B 6 -29.95 -29.81 8.50
CA ALA B 6 -30.08 -28.76 7.48
C ALA B 6 -28.82 -27.91 7.39
N ALA B 7 -28.24 -27.53 8.54
CA ALA B 7 -27.00 -26.75 8.63
C ALA B 7 -25.78 -27.58 8.20
N ARG B 8 -25.81 -28.92 8.45
CA ARG B 8 -24.74 -29.86 8.05
C ARG B 8 -24.62 -29.87 6.51
N GLU B 9 -25.77 -29.98 5.80
CA GLU B 9 -25.85 -29.96 4.33
C GLU B 9 -25.47 -28.57 3.77
N ALA B 10 -26.00 -27.48 4.38
CA ALA B 10 -25.74 -26.09 3.96
C ALA B 10 -24.26 -25.76 4.07
N ALA B 11 -23.58 -26.25 5.14
CA ALA B 11 -22.15 -26.06 5.36
C ALA B 11 -21.34 -26.79 4.29
N GLY B 12 -21.76 -28.00 3.92
CA GLY B 12 -21.09 -28.81 2.89
C GLY B 12 -21.06 -28.13 1.54
N ARG B 13 -22.18 -27.47 1.18
CA ARG B 13 -22.36 -26.73 -0.07
C ARG B 13 -21.43 -25.54 -0.12
N ASP B 14 -21.41 -24.72 0.95
CA ASP B 14 -20.57 -23.52 1.08
C ASP B 14 -19.88 -23.51 2.44
N MET B 15 -18.68 -24.12 2.52
CA MET B 15 -17.87 -24.22 3.72
C MET B 15 -17.38 -22.89 4.20
N LEU B 16 -16.94 -22.02 3.27
CA LEU B 16 -16.39 -20.70 3.57
C LEU B 16 -17.44 -19.77 4.20
N ALA B 17 -18.69 -19.82 3.71
CA ALA B 17 -19.80 -19.02 4.26
C ALA B 17 -20.22 -19.53 5.65
N ALA B 18 -20.01 -20.84 5.92
CA ALA B 18 -20.29 -21.47 7.22
C ALA B 18 -19.14 -21.19 8.19
N ASP B 19 -17.89 -21.18 7.67
CA ASP B 19 -16.65 -20.85 8.41
C ASP B 19 -16.59 -19.35 8.63
N LEU B 20 -17.30 -18.56 7.79
CA LEU B 20 -17.39 -17.11 7.97
C LEU B 20 -18.10 -16.85 9.29
N ARG B 21 -19.29 -17.45 9.45
CA ARG B 21 -20.16 -17.39 10.63
C ARG B 21 -19.40 -17.79 11.91
N CYS B 22 -18.64 -18.91 11.86
CA CYS B 22 -17.83 -19.47 12.96
C CYS B 22 -16.65 -18.56 13.34
N SER B 23 -16.02 -17.91 12.34
CA SER B 23 -14.91 -16.98 12.53
C SER B 23 -15.36 -15.67 13.21
N LEU B 24 -16.54 -15.09 12.79
CA LEU B 24 -17.12 -13.85 13.36
C LEU B 24 -17.70 -14.09 14.79
N PHE B 25 -18.32 -15.27 15.03
CA PHE B 25 -18.85 -15.63 16.36
C PHE B 25 -17.72 -15.68 17.37
N ALA B 26 -16.61 -16.37 16.98
CA ALA B 26 -15.39 -16.53 17.79
C ALA B 26 -14.84 -15.16 18.15
N SER B 27 -14.70 -14.29 17.12
CA SER B 27 -14.24 -12.90 17.15
C SER B 27 -15.11 -12.03 18.06
N ALA B 28 -16.45 -12.14 17.91
CA ALA B 28 -17.41 -11.37 18.72
C ALA B 28 -17.42 -11.85 20.17
N LEU B 29 -17.27 -13.20 20.40
CA LEU B 29 -17.23 -13.82 21.73
C LEU B 29 -15.98 -13.39 22.50
N GLN B 30 -14.79 -13.53 21.86
CA GLN B 30 -13.48 -13.20 22.42
C GLN B 30 -13.38 -11.71 22.83
N SER B 31 -14.26 -10.85 22.29
CA SER B 31 -14.29 -9.41 22.56
C SER B 31 -14.70 -9.09 23.99
N TYR B 32 -14.33 -7.87 24.45
CA TYR B 32 -14.66 -7.34 25.77
C TYR B 32 -15.97 -6.53 25.71
N LYS B 33 -16.43 -6.21 24.46
CA LYS B 33 -17.65 -5.43 24.16
C LYS B 33 -18.88 -6.32 23.77
N ARG B 34 -19.08 -7.46 24.48
CA ARG B 34 -20.23 -8.36 24.28
C ARG B 34 -21.29 -8.12 25.36
N PHE B 53 -22.39 -17.76 30.63
CA PHE B 53 -21.60 -16.68 30.04
C PHE B 53 -20.12 -17.07 29.88
N GLU B 54 -19.53 -17.68 30.94
CA GLU B 54 -18.14 -18.16 30.97
C GLU B 54 -18.04 -19.55 30.34
N ALA B 55 -19.19 -20.25 30.22
CA ALA B 55 -19.31 -21.59 29.64
C ALA B 55 -19.48 -21.53 28.11
N LEU B 56 -19.80 -20.33 27.56
CA LEU B 56 -20.00 -20.10 26.13
C LEU B 56 -18.68 -20.22 25.38
N LEU B 57 -17.57 -19.71 25.97
CA LEU B 57 -16.24 -19.78 25.37
C LEU B 57 -15.54 -21.12 25.70
N ALA B 58 -15.99 -21.81 26.76
CA ALA B 58 -15.45 -23.11 27.16
C ALA B 58 -15.86 -24.16 26.14
N ASP B 59 -17.14 -24.15 25.72
CA ASP B 59 -17.70 -25.04 24.72
C ASP B 59 -17.21 -24.63 23.32
N ALA B 60 -16.96 -23.33 23.09
CA ALA B 60 -16.47 -22.78 21.82
C ALA B 60 -14.99 -23.11 21.58
N SER B 61 -14.16 -23.14 22.65
CA SER B 61 -12.73 -23.44 22.52
C SER B 61 -12.47 -24.96 22.37
N LYS B 62 -13.45 -25.80 22.70
CA LYS B 62 -13.37 -27.25 22.55
C LYS B 62 -13.93 -27.66 21.16
N LEU B 63 -14.52 -26.66 20.44
CA LEU B 63 -15.10 -26.79 19.10
C LEU B 63 -14.00 -27.08 18.07
N PRO B 64 -14.05 -28.26 17.40
CA PRO B 64 -13.02 -28.56 16.39
C PRO B 64 -13.32 -27.89 15.04
N ASN B 65 -12.35 -27.90 14.08
CA ASN B 65 -12.54 -27.32 12.74
C ASN B 65 -13.61 -28.12 11.95
N LEU B 66 -14.43 -27.38 11.16
CA LEU B 66 -15.57 -27.84 10.35
C LEU B 66 -15.44 -29.25 9.74
N LYS B 67 -14.24 -29.61 9.21
CA LYS B 67 -13.96 -30.91 8.57
C LYS B 67 -14.20 -32.09 9.51
N LYS B 78 -22.21 -33.88 20.60
CA LYS B 78 -23.58 -33.40 20.65
C LYS B 78 -23.64 -31.92 21.07
N ARG B 79 -22.95 -31.54 22.17
CA ARG B 79 -22.91 -30.17 22.72
C ARG B 79 -22.28 -29.16 21.74
N ALA B 80 -21.30 -29.61 20.91
CA ALA B 80 -20.64 -28.80 19.89
C ALA B 80 -21.54 -28.64 18.67
N TRP B 81 -22.36 -29.67 18.36
CA TRP B 81 -23.30 -29.61 17.24
C TRP B 81 -24.47 -28.68 17.55
N ASP B 82 -24.75 -28.43 18.85
CA ASP B 82 -25.78 -27.50 19.31
C ASP B 82 -25.43 -26.07 18.92
N LEU B 83 -24.18 -25.64 19.16
CA LEU B 83 -23.66 -24.30 18.86
C LEU B 83 -23.56 -24.06 17.34
N VAL B 84 -23.01 -25.05 16.59
CA VAL B 84 -22.82 -24.99 15.14
C VAL B 84 -24.18 -24.84 14.43
N SER B 85 -25.19 -25.66 14.85
CA SER B 85 -26.57 -25.64 14.32
C SER B 85 -27.26 -24.30 14.56
N TRP B 86 -26.88 -23.61 15.66
CA TRP B 86 -27.38 -22.29 15.99
C TRP B 86 -26.63 -21.20 15.22
N ILE B 87 -25.30 -21.37 14.96
CA ILE B 87 -24.47 -20.38 14.24
C ILE B 87 -25.14 -19.99 12.91
N LEU B 88 -25.77 -20.97 12.21
CA LEU B 88 -26.58 -20.77 11.02
C LEU B 88 -28.07 -20.79 11.47
N SER B 89 -28.53 -19.62 11.93
CA SER B 89 -29.87 -19.37 12.45
C SER B 89 -30.66 -18.44 11.53
N SER B 90 -29.96 -17.78 10.60
CA SER B 90 -30.58 -16.80 9.70
C SER B 90 -31.45 -17.43 8.62
N LYS B 91 -32.61 -16.78 8.42
CA LYS B 91 -33.63 -17.08 7.43
C LYS B 91 -33.62 -15.97 6.38
N VAL B 92 -33.21 -14.76 6.80
CA VAL B 92 -33.07 -13.56 5.98
C VAL B 92 -31.76 -13.60 5.20
N ILE B 95 -25.62 -16.27 3.15
CA ILE B 95 -24.27 -15.94 2.68
C ILE B 95 -23.82 -16.96 1.60
N HIS B 96 -23.41 -16.47 0.41
CA HIS B 96 -22.96 -17.28 -0.72
C HIS B 96 -21.57 -16.83 -1.21
N SER B 97 -20.61 -17.77 -1.36
CA SER B 97 -19.25 -17.49 -1.84
C SER B 97 -19.23 -17.00 -3.30
N ALA B 98 -18.16 -16.23 -3.65
CA ALA B 98 -17.85 -15.68 -4.97
C ALA B 98 -16.30 -15.52 -5.13
N GLY B 99 -15.84 -15.21 -6.34
CA GLY B 99 -14.41 -15.07 -6.61
C GLY B 99 -13.96 -13.79 -7.31
N LYS B 100 -12.68 -13.79 -7.74
CA LYS B 100 -11.94 -12.72 -8.42
C LYS B 100 -12.72 -12.06 -9.57
N ALA B 101 -13.61 -12.81 -10.24
CA ALA B 101 -14.41 -12.26 -11.33
C ALA B 101 -15.49 -11.29 -10.82
N GLU B 102 -15.93 -11.46 -9.56
CA GLU B 102 -16.97 -10.63 -8.96
C GLU B 102 -16.40 -9.35 -8.32
N PHE B 103 -15.11 -9.34 -7.95
CA PHE B 103 -14.46 -8.13 -7.40
C PHE B 103 -14.18 -7.19 -8.57
N GLU B 104 -13.85 -7.78 -9.75
CA GLU B 104 -13.63 -7.09 -11.01
C GLU B 104 -15.00 -6.65 -11.58
N LYS B 105 -16.10 -7.16 -10.98
CA LYS B 105 -17.46 -6.76 -11.34
C LYS B 105 -17.75 -5.41 -10.67
N ILE B 106 -17.07 -5.12 -9.54
CA ILE B 106 -17.17 -3.84 -8.81
C ILE B 106 -16.15 -2.82 -9.41
N GLN B 107 -15.41 -3.22 -10.46
CA GLN B 107 -14.44 -2.33 -11.13
C GLN B 107 -15.18 -1.36 -12.07
N LYS B 108 -16.33 -0.85 -11.59
CA LYS B 108 -17.23 0.09 -12.26
C LYS B 108 -18.26 0.65 -11.25
N LEU B 109 -18.69 -0.18 -10.28
CA LEU B 109 -19.69 0.17 -9.26
C LEU B 109 -19.15 1.11 -8.16
N THR B 110 -17.82 1.07 -7.84
CA THR B 110 -17.17 1.96 -6.86
C THR B 110 -16.22 2.94 -7.59
N GLY B 111 -15.89 2.61 -8.85
CA GLY B 111 -15.00 3.39 -9.69
C GLY B 111 -13.52 3.11 -9.44
N ALA B 112 -12.66 3.68 -10.28
CA ALA B 112 -11.20 3.52 -10.17
C ALA B 112 -10.68 4.08 -8.82
N PRO B 113 -9.86 3.31 -8.05
CA PRO B 113 -9.38 3.82 -6.75
C PRO B 113 -8.25 4.85 -6.85
N HIS B 114 -8.31 5.91 -6.00
CA HIS B 114 -7.35 7.02 -5.86
C HIS B 114 -5.97 6.47 -5.41
N THR B 115 -5.97 5.58 -4.38
CA THR B 115 -4.77 4.98 -3.81
C THR B 115 -4.79 3.43 -4.00
N PRO B 116 -3.63 2.75 -3.91
CA PRO B 116 -3.59 1.29 -4.12
C PRO B 116 -4.42 0.49 -3.14
N VAL B 117 -5.09 -0.55 -3.64
CA VAL B 117 -5.98 -1.35 -2.83
C VAL B 117 -5.66 -2.85 -2.99
N PRO B 118 -5.85 -3.67 -1.93
CA PRO B 118 -5.62 -5.11 -2.09
C PRO B 118 -6.91 -5.79 -2.54
N ALA B 119 -6.79 -6.83 -3.34
CA ALA B 119 -7.95 -7.62 -3.74
C ALA B 119 -8.30 -8.50 -2.53
N PRO B 120 -9.60 -8.71 -2.21
CA PRO B 120 -9.92 -9.53 -1.04
C PRO B 120 -9.48 -10.96 -1.23
N ASP B 121 -9.10 -11.60 -0.13
CA ASP B 121 -8.68 -12.98 -0.17
C ASP B 121 -9.87 -13.88 -0.38
N PHE B 122 -11.04 -13.43 0.11
CA PHE B 122 -12.35 -14.10 0.09
C PHE B 122 -13.41 -13.09 -0.21
N LEU B 123 -14.40 -13.50 -0.99
CA LEU B 123 -15.50 -12.64 -1.42
C LEU B 123 -16.81 -13.43 -1.36
N PHE B 124 -17.87 -12.81 -0.81
CA PHE B 124 -19.18 -13.43 -0.63
C PHE B 124 -20.30 -12.50 -1.11
N GLU B 125 -21.28 -13.04 -1.89
CA GLU B 125 -22.46 -12.34 -2.45
C GLU B 125 -23.72 -12.69 -1.63
N ILE B 126 -24.29 -11.69 -0.92
CA ILE B 126 -25.44 -11.82 -0.01
C ILE B 126 -26.81 -12.03 -0.71
N GLU B 127 -27.70 -12.78 -0.03
CA GLU B 127 -29.06 -13.06 -0.46
C GLU B 127 -30.05 -13.12 0.76
N TYR B 128 -30.72 -11.97 0.99
CA TYR B 128 -31.71 -11.75 2.05
C TYR B 128 -33.07 -12.38 1.66
N PHE B 129 -33.64 -13.21 2.54
CA PHE B 129 -34.94 -13.83 2.30
C PHE B 129 -35.91 -13.48 3.42
N TYR B 147 -21.98 1.65 -5.77
CA TYR B 147 -22.14 1.35 -4.34
C TYR B 147 -20.98 1.91 -3.49
N ALA B 148 -21.06 1.72 -2.15
CA ALA B 148 -20.03 2.20 -1.21
C ALA B 148 -19.57 1.09 -0.28
N PHE B 149 -18.77 1.42 0.73
CA PHE B 149 -18.23 0.43 1.65
C PHE B 149 -18.13 0.96 3.06
N HIS B 150 -18.32 0.08 4.01
CA HIS B 150 -18.27 0.39 5.43
C HIS B 150 -17.36 -0.62 6.10
N GLY B 151 -16.55 -0.12 7.02
CA GLY B 151 -15.66 -0.97 7.79
C GLY B 151 -15.93 -0.83 9.28
N SER B 152 -15.44 -1.81 10.04
CA SER B 152 -15.52 -1.87 11.50
C SER B 152 -14.59 -2.97 12.06
N ARG B 153 -14.37 -2.98 13.39
CA ARG B 153 -13.58 -3.99 14.09
C ARG B 153 -14.22 -5.38 13.86
N LEU B 154 -13.39 -6.43 13.66
CA LEU B 154 -13.84 -7.80 13.36
C LEU B 154 -15.00 -8.28 14.28
N GLU B 155 -15.03 -7.84 15.55
CA GLU B 155 -16.05 -8.19 16.55
C GLU B 155 -17.51 -7.77 16.18
N ASN B 156 -17.68 -6.70 15.34
CA ASN B 156 -18.98 -6.11 14.95
C ASN B 156 -19.74 -6.84 13.84
N PHE B 157 -19.05 -7.62 12.99
CA PHE B 157 -19.69 -8.24 11.83
C PHE B 157 -20.62 -9.43 12.16
N HIS B 158 -20.60 -9.97 13.39
CA HIS B 158 -21.58 -11.00 13.79
C HIS B 158 -22.92 -10.23 13.96
N SER B 159 -22.88 -9.00 14.55
CA SER B 159 -24.03 -8.11 14.72
C SER B 159 -24.50 -7.51 13.37
N ILE B 160 -23.60 -7.31 12.40
CA ILE B 160 -23.95 -6.77 11.07
C ILE B 160 -24.78 -7.83 10.31
N ILE B 161 -24.40 -9.12 10.46
CA ILE B 161 -25.07 -10.29 9.87
C ILE B 161 -26.53 -10.42 10.38
N HIS B 162 -26.85 -9.95 11.62
CA HIS B 162 -28.21 -9.97 12.18
C HIS B 162 -28.42 -8.83 13.22
N ASN B 163 -27.92 -9.02 14.47
CA ASN B 163 -28.01 -8.07 15.59
C ASN B 163 -27.00 -8.42 16.71
N THR B 179 -23.47 6.63 11.15
CA THR B 179 -23.05 5.92 9.93
C THR B 179 -21.92 6.67 9.21
N TYR B 180 -21.02 5.90 8.56
CA TYR B 180 -19.89 6.42 7.78
C TYR B 180 -19.52 5.41 6.69
N LEU B 181 -19.77 5.80 5.44
CA LEU B 181 -19.56 5.04 4.20
C LEU B 181 -18.63 5.83 3.24
N THR B 182 -17.93 5.13 2.34
CA THR B 182 -16.99 5.76 1.38
C THR B 182 -16.88 4.93 0.07
N SER B 183 -16.39 5.55 -1.04
CA SER B 183 -16.20 4.84 -2.31
C SER B 183 -14.72 4.32 -2.46
N ASP B 184 -13.85 4.62 -1.47
CA ASP B 184 -12.48 4.13 -1.42
C ASP B 184 -12.44 3.00 -0.42
N LEU B 185 -11.95 1.82 -0.82
CA LEU B 185 -11.93 0.70 0.12
C LEU B 185 -10.65 0.76 0.97
N SER B 186 -9.63 1.51 0.50
CA SER B 186 -8.33 1.77 1.17
C SER B 186 -8.53 2.64 2.39
N LEU B 187 -9.45 3.64 2.31
CA LEU B 187 -9.80 4.53 3.41
C LEU B 187 -10.71 3.79 4.37
N ALA B 188 -11.46 2.84 3.81
CA ALA B 188 -12.41 2.01 4.54
C ALA B 188 -11.67 0.90 5.30
N LEU B 189 -10.43 0.55 4.85
CA LEU B 189 -9.57 -0.47 5.47
C LEU B 189 -8.80 0.09 6.69
N ILE B 190 -8.72 1.43 6.84
CA ILE B 190 -8.15 2.03 8.03
C ILE B 190 -9.16 1.78 9.18
N TYR B 191 -10.45 1.89 8.85
CA TYR B 191 -11.59 1.71 9.76
C TYR B 191 -11.92 0.22 10.02
N SER B 192 -11.39 -0.70 9.20
CA SER B 192 -11.65 -2.11 9.43
C SER B 192 -10.35 -2.88 9.52
N PRO B 193 -9.64 -2.84 10.66
CA PRO B 193 -8.37 -3.58 10.74
C PRO B 193 -8.57 -5.07 11.02
N HIS B 194 -7.45 -5.84 11.01
CA HIS B 194 -7.37 -7.27 11.35
C HIS B 194 -7.80 -7.52 12.80
N GLY B 195 -8.53 -8.60 13.03
CA GLY B 195 -8.97 -8.97 14.36
C GLY B 195 -8.50 -10.37 14.71
N HIS B 196 -9.24 -11.04 15.61
CA HIS B 196 -8.97 -12.40 16.02
C HIS B 196 -10.21 -13.23 15.81
N GLY B 197 -10.22 -14.04 14.75
CA GLY B 197 -11.34 -14.90 14.41
C GLY B 197 -11.33 -16.23 15.17
N TRP B 198 -11.35 -17.33 14.43
CA TRP B 198 -11.32 -18.67 15.00
C TRP B 198 -9.93 -19.29 14.80
N GLN B 199 -9.40 -19.97 15.84
CA GLN B 199 -8.10 -20.67 15.83
C GLN B 199 -8.11 -21.87 14.87
N HIS B 200 -9.30 -22.45 14.60
CA HIS B 200 -9.52 -23.60 13.72
C HIS B 200 -10.29 -23.18 12.45
N SER B 201 -10.14 -21.92 12.02
CA SER B 201 -10.82 -21.38 10.83
C SER B 201 -10.09 -21.75 9.54
N LEU B 202 -10.89 -22.07 8.49
CA LEU B 202 -10.41 -22.38 7.14
C LEU B 202 -9.94 -21.11 6.44
N LEU B 203 -10.46 -19.93 6.89
CA LEU B 203 -10.11 -18.61 6.37
C LEU B 203 -8.81 -18.08 6.99
N GLY B 204 -8.43 -18.62 8.14
CA GLY B 204 -7.27 -18.20 8.92
C GLY B 204 -7.69 -17.58 10.24
N PRO B 205 -6.79 -17.47 11.25
CA PRO B 205 -7.20 -16.91 12.55
C PRO B 205 -7.28 -15.39 12.61
N ILE B 206 -6.42 -14.67 11.87
CA ILE B 206 -6.42 -13.20 11.90
C ILE B 206 -7.02 -12.71 10.56
N LEU B 207 -8.19 -12.06 10.67
CA LEU B 207 -8.99 -11.62 9.53
C LEU B 207 -9.45 -10.19 9.68
N SER B 208 -9.75 -9.55 8.54
CA SER B 208 -10.34 -8.21 8.43
C SER B 208 -11.58 -8.28 7.57
N CYS B 209 -12.52 -7.35 7.76
CA CYS B 209 -13.75 -7.41 6.96
C CYS B 209 -14.21 -6.03 6.55
N VAL B 210 -14.51 -5.88 5.27
CA VAL B 210 -15.08 -4.67 4.71
C VAL B 210 -16.42 -5.10 4.20
N ALA B 211 -17.33 -4.15 3.99
CA ALA B 211 -18.67 -4.49 3.51
C ALA B 211 -19.08 -3.54 2.43
N VAL B 212 -19.48 -4.05 1.26
CA VAL B 212 -20.07 -3.24 0.19
C VAL B 212 -21.52 -3.04 0.63
N CYS B 213 -22.10 -1.82 0.46
CA CYS B 213 -23.48 -1.52 0.89
C CYS B 213 -24.34 -0.86 -0.21
N GLU B 214 -25.66 -0.79 0.04
CA GLU B 214 -26.69 -0.19 -0.83
C GLU B 214 -27.32 1.04 -0.16
N THR B 256 -29.00 9.68 9.84
CA THR B 256 -30.11 8.89 9.33
C THR B 256 -30.28 7.58 10.12
N ASN B 257 -31.21 6.69 9.68
CA ASN B 257 -31.51 5.41 10.31
C ASN B 257 -30.86 4.24 9.54
N ASN B 258 -30.90 3.03 10.13
CA ASN B 258 -30.33 1.79 9.59
C ASN B 258 -31.25 1.13 8.53
N GLN B 259 -32.50 1.64 8.36
CA GLN B 259 -33.49 1.15 7.41
C GLN B 259 -33.12 1.48 5.95
N LEU B 260 -32.21 2.45 5.74
CA LEU B 260 -31.76 2.87 4.41
C LEU B 260 -30.47 2.15 3.96
N LEU B 261 -30.01 1.10 4.71
CA LEU B 261 -28.77 0.40 4.34
C LEU B 261 -28.86 -1.14 4.45
N ARG B 262 -28.44 -1.81 3.36
CA ARG B 262 -28.38 -3.26 3.20
C ARG B 262 -26.96 -3.67 2.76
N VAL B 263 -26.24 -4.44 3.60
CA VAL B 263 -24.89 -4.92 3.28
C VAL B 263 -25.06 -6.02 2.21
N LYS B 264 -24.66 -5.71 0.96
CA LYS B 264 -24.79 -6.59 -0.20
C LYS B 264 -23.57 -7.55 -0.38
N TYR B 265 -22.36 -7.17 0.10
CA TYR B 265 -21.15 -8.00 -0.03
C TYR B 265 -20.27 -7.96 1.24
N LEU B 266 -19.33 -8.93 1.38
CA LEU B 266 -18.41 -9.02 2.51
C LEU B 266 -16.96 -9.34 2.07
N LEU B 267 -16.17 -8.30 1.79
CA LEU B 267 -14.77 -8.38 1.37
C LEU B 267 -13.92 -8.78 2.57
N VAL B 268 -13.47 -10.05 2.59
CA VAL B 268 -12.67 -10.60 3.70
C VAL B 268 -11.17 -10.60 3.31
N TYR B 269 -10.29 -10.32 4.30
CA TYR B 269 -8.83 -10.22 4.17
C TYR B 269 -8.10 -11.01 5.31
N SER B 270 -7.37 -12.09 4.97
CA SER B 270 -6.66 -12.92 5.95
C SER B 270 -5.14 -12.64 6.00
N GLN B 271 -4.64 -12.26 7.20
CA GLN B 271 -3.23 -11.91 7.48
C GLN B 271 -2.27 -13.08 7.20
#